data_7LP3
#
_entry.id   7LP3
#
_cell.length_a   24.565
_cell.length_b   55.522
_cell.length_c   82.583
_cell.angle_alpha   90.000
_cell.angle_beta   90.000
_cell.angle_gamma   90.000
#
_symmetry.space_group_name_H-M   'P 2 21 21'
#
loop_
_entity.id
_entity.type
_entity.pdbx_description
1 polymer 'E3 ubiquitin-protein ligase NEDD4-like'
2 polymer Angiomotin
3 non-polymer 'SULFATE ION'
4 water water
#
loop_
_entity_poly.entity_id
_entity_poly.type
_entity_poly.pdbx_seq_one_letter_code
_entity_poly.pdbx_strand_id
1 'polypeptide(L)' PHMPPLPPGWEEKVDNLGRTYYVNHNNRTTQWHRPSL A,C
2 'polypeptide(L)' EHRGPPPEYPFKGM B,D
#
loop_
_chem_comp.id
_chem_comp.type
_chem_comp.name
_chem_comp.formula
SO4 non-polymer 'SULFATE ION' 'O4 S -2'
#
# COMPACT_ATOMS: atom_id res chain seq x y z
N PRO A 1 24.61 -8.04 -5.54
CA PRO A 1 24.61 -6.58 -5.74
C PRO A 1 23.44 -5.89 -5.04
N HIS A 2 23.39 -4.56 -5.11
CA HIS A 2 22.36 -3.88 -4.35
C HIS A 2 21.02 -3.95 -5.08
N MET A 3 20.01 -3.47 -4.38
CA MET A 3 18.61 -3.53 -4.77
C MET A 3 18.26 -2.18 -5.35
N PRO A 4 17.92 -2.07 -6.63
CA PRO A 4 17.44 -0.78 -7.14
C PRO A 4 16.11 -0.42 -6.49
N PRO A 5 15.76 0.85 -6.46
CA PRO A 5 14.54 1.26 -5.73
C PRO A 5 13.26 0.76 -6.40
N LEU A 6 12.18 0.69 -5.58
CA LEU A 6 10.85 0.35 -6.13
C LEU A 6 10.22 1.57 -6.80
N PRO A 7 9.43 1.36 -7.84
CA PRO A 7 8.74 2.48 -8.48
C PRO A 7 7.57 2.95 -7.64
N PRO A 8 7.09 4.17 -7.88
CA PRO A 8 5.86 4.66 -7.25
C PRO A 8 4.71 3.66 -7.37
N GLY A 9 3.97 3.54 -6.28
CA GLY A 9 2.80 2.73 -6.22
C GLY A 9 3.05 1.33 -5.73
N TRP A 10 4.31 0.92 -5.63
CA TRP A 10 4.67 -0.45 -5.24
C TRP A 10 5.13 -0.50 -3.81
N GLU A 11 4.79 -1.62 -3.15
CA GLU A 11 5.17 -1.94 -1.79
C GLU A 11 5.78 -3.33 -1.81
N GLU A 12 6.75 -3.52 -0.94
CA GLU A 12 7.38 -4.81 -0.67
C GLU A 12 6.83 -5.38 0.61
N LYS A 13 6.33 -6.62 0.55
CA LYS A 13 5.76 -7.28 1.71
C LYS A 13 6.38 -8.65 1.86
N VAL A 14 6.18 -9.24 3.04
CA VAL A 14 6.67 -10.58 3.33
C VAL A 14 5.48 -11.42 3.76
N ASP A 15 5.31 -12.59 3.16
CA ASP A 15 4.13 -13.38 3.48
C ASP A 15 4.35 -14.22 4.74
N ASN A 16 3.32 -15.00 5.11
CA ASN A 16 3.40 -15.70 6.39
C ASN A 16 4.37 -16.89 6.36
N LEU A 17 4.93 -17.22 5.20
CA LEU A 17 5.99 -18.21 5.08
C LEU A 17 7.36 -17.55 4.93
N GLY A 18 7.44 -16.23 5.09
CA GLY A 18 8.71 -15.54 5.02
C GLY A 18 9.15 -15.17 3.62
N ARG A 19 8.26 -15.27 2.63
CA ARG A 19 8.64 -15.04 1.24
C ARG A 19 8.35 -13.59 0.86
N THR A 20 9.33 -12.94 0.24
CA THR A 20 9.12 -11.57 -0.23
C THR A 20 8.22 -11.54 -1.45
N TYR A 21 7.31 -10.58 -1.48
CA TYR A 21 6.54 -10.36 -2.69
C TYR A 21 6.21 -8.87 -2.81
N TYR A 22 5.68 -8.50 -3.97
CA TYR A 22 5.50 -7.10 -4.30
C TYR A 22 4.04 -6.82 -4.62
N VAL A 23 3.60 -5.64 -4.16
CA VAL A 23 2.22 -5.23 -4.21
C VAL A 23 2.15 -3.97 -5.04
N ASN A 24 1.31 -3.98 -6.08
CA ASN A 24 1.12 -2.81 -6.94
C ASN A 24 -0.21 -2.17 -6.60
N HIS A 25 -0.17 -1.03 -5.91
CA HIS A 25 -1.39 -0.39 -5.45
C HIS A 25 -2.10 0.40 -6.55
N ASN A 26 -1.47 0.60 -7.70
CA ASN A 26 -2.17 1.21 -8.82
C ASN A 26 -3.02 0.19 -9.53
N ASN A 27 -2.53 -1.04 -9.62
CA ASN A 27 -3.18 -2.08 -10.40
C ASN A 27 -4.02 -2.99 -9.51
N ARG A 28 -3.83 -2.92 -8.20
CA ARG A 28 -4.44 -3.85 -7.25
C ARG A 28 -4.03 -5.29 -7.58
N THR A 29 -2.72 -5.49 -7.72
CA THR A 29 -2.15 -6.79 -8.05
C THR A 29 -0.95 -7.05 -7.16
N THR A 30 -0.53 -8.33 -7.14
CA THR A 30 0.69 -8.77 -6.48
C THR A 30 1.48 -9.66 -7.44
N GLN A 31 2.79 -9.75 -7.16
CA GLN A 31 3.66 -10.59 -7.98
C GLN A 31 4.91 -10.94 -7.20
N TRP A 32 5.60 -11.98 -7.68
CA TRP A 32 6.85 -12.39 -7.06
C TRP A 32 8.03 -11.53 -7.53
N HIS A 33 8.06 -11.20 -8.80
CA HIS A 33 9.22 -10.53 -9.38
C HIS A 33 9.32 -9.10 -8.90
N ARG A 34 10.50 -8.68 -8.51
CA ARG A 34 10.69 -7.29 -8.13
C ARG A 34 10.53 -6.38 -9.33
N PRO A 35 9.70 -5.34 -9.23
CA PRO A 35 9.54 -4.40 -10.34
C PRO A 35 10.72 -3.46 -10.44
N SER A 36 10.92 -2.98 -11.64
CA SER A 36 12.00 -2.06 -11.92
C SER A 36 11.46 -0.78 -12.53
N LEU A 37 12.19 0.30 -12.33
CA LEU A 37 12.01 1.50 -13.13
C LEU A 37 12.60 1.24 -14.53
N GLU B 1 11.14 -20.39 -9.11
CA GLU B 1 9.73 -20.54 -8.82
C GLU B 1 9.35 -20.77 -7.37
N HIS B 2 8.05 -20.61 -7.14
CA HIS B 2 7.45 -20.55 -5.82
C HIS B 2 6.24 -21.45 -5.79
N ARG B 3 5.94 -21.96 -4.60
CA ARG B 3 4.66 -22.62 -4.39
C ARG B 3 3.55 -21.57 -4.49
N GLY B 4 2.74 -21.67 -5.53
CA GLY B 4 1.54 -20.89 -5.65
C GLY B 4 1.83 -19.48 -6.14
N PRO B 5 0.78 -18.72 -6.39
CA PRO B 5 0.96 -17.28 -6.59
C PRO B 5 1.29 -16.62 -5.27
N PRO B 6 1.69 -15.36 -5.27
CA PRO B 6 1.83 -14.67 -4.01
C PRO B 6 0.47 -14.41 -3.40
N PRO B 7 0.43 -13.96 -2.15
CA PRO B 7 -0.85 -13.63 -1.54
C PRO B 7 -1.59 -12.64 -2.41
N GLU B 8 -2.90 -12.73 -2.35
CA GLU B 8 -3.72 -11.77 -3.07
C GLU B 8 -3.48 -10.35 -2.58
N TYR B 9 -3.75 -9.40 -3.48
CA TYR B 9 -3.69 -8.00 -3.12
C TYR B 9 -4.54 -7.76 -1.87
N PRO B 10 -4.13 -6.87 -0.96
CA PRO B 10 -4.95 -6.53 0.24
C PRO B 10 -6.14 -5.62 -0.08
N PHE B 11 -7.13 -6.21 -0.74
CA PHE B 11 -8.27 -5.46 -1.26
C PHE B 11 -9.08 -4.74 -0.18
N LYS B 12 -9.06 -5.24 1.07
CA LYS B 12 -9.82 -4.55 2.11
C LYS B 12 -9.34 -3.12 2.27
N GLY B 13 -8.08 -2.85 1.87
CA GLY B 13 -7.52 -1.50 1.87
C GLY B 13 -8.21 -0.55 0.91
N MET B 14 -9.04 -1.05 0.00
CA MET B 14 -9.79 -0.18 -0.86
C MET B 14 -11.00 0.37 -0.11
N PRO C 1 -24.50 9.11 3.44
CA PRO C 1 -24.40 8.60 2.06
C PRO C 1 -23.22 7.66 1.83
N HIS C 2 -23.20 7.03 0.67
CA HIS C 2 -22.17 6.03 0.43
C HIS C 2 -20.85 6.70 0.06
N MET C 3 -19.80 5.89 0.14
CA MET C 3 -18.43 6.30 -0.04
C MET C 3 -18.05 6.01 -1.47
N PRO C 4 -17.60 6.97 -2.27
CA PRO C 4 -17.14 6.63 -3.59
C PRO C 4 -15.83 5.86 -3.52
N PRO C 5 -15.47 5.15 -4.59
CA PRO C 5 -14.27 4.30 -4.54
C PRO C 5 -13.01 5.14 -4.35
N LEU C 6 -11.95 4.49 -3.80
CA LEU C 6 -10.64 5.14 -3.72
C LEU C 6 -9.94 5.07 -5.07
N PRO C 7 -9.18 6.10 -5.42
CA PRO C 7 -8.48 6.08 -6.71
C PRO C 7 -7.26 5.19 -6.67
N PRO C 8 -6.74 4.80 -7.82
CA PRO C 8 -5.54 3.95 -7.86
C PRO C 8 -4.41 4.53 -7.05
N GLY C 9 -3.69 3.63 -6.36
CA GLY C 9 -2.54 3.99 -5.57
C GLY C 9 -2.88 4.32 -4.13
N TRP C 10 -4.14 4.51 -3.79
CA TRP C 10 -4.54 4.84 -2.44
C TRP C 10 -5.05 3.63 -1.67
N GLU C 11 -4.79 3.64 -0.36
CA GLU C 11 -5.25 2.61 0.57
C GLU C 11 -5.78 3.32 1.80
N GLU C 12 -6.82 2.76 2.39
CA GLU C 12 -7.39 3.28 3.62
C GLU C 12 -6.86 2.42 4.77
N LYS C 13 -6.47 3.07 5.87
CA LYS C 13 -5.97 2.36 7.02
C LYS C 13 -6.63 2.94 8.27
N VAL C 14 -6.48 2.23 9.37
CA VAL C 14 -6.99 2.68 10.66
C VAL C 14 -5.81 2.74 11.63
N ASP C 15 -5.66 3.86 12.33
CA ASP C 15 -4.51 3.98 13.22
C ASP C 15 -4.81 3.34 14.58
N ASN C 16 -3.82 3.40 15.47
CA ASN C 16 -3.95 2.67 16.74
C ASN C 16 -4.97 3.30 17.69
N LEU C 17 -5.47 4.50 17.39
CA LEU C 17 -6.54 5.12 18.13
C LEU C 17 -7.89 4.94 17.45
N GLY C 18 -7.95 4.14 16.38
CA GLY C 18 -9.21 3.89 15.74
C GLY C 18 -9.61 4.90 14.68
N ARG C 19 -8.69 5.77 14.26
CA ARG C 19 -8.98 6.84 13.31
C ARG C 19 -8.64 6.39 11.89
N THR C 20 -9.57 6.63 10.98
CA THR C 20 -9.33 6.31 9.58
C THR C 20 -8.41 7.33 8.96
N TYR C 21 -7.50 6.86 8.12
CA TYR C 21 -6.67 7.75 7.34
C TYR C 21 -6.35 7.07 6.01
N TYR C 22 -5.74 7.85 5.11
CA TYR C 22 -5.50 7.41 3.75
C TYR C 22 -4.03 7.50 3.38
N VAL C 23 -3.58 6.50 2.62
CA VAL C 23 -2.18 6.31 2.28
C VAL C 23 -2.06 6.38 0.77
N ASN C 24 -1.18 7.26 0.28
CA ASN C 24 -0.96 7.39 -1.17
C ASN C 24 0.39 6.75 -1.48
N HIS C 25 0.36 5.58 -2.11
CA HIS C 25 1.59 4.84 -2.39
C HIS C 25 2.36 5.38 -3.59
N ASN C 26 1.76 6.28 -4.37
CA ASN C 26 2.50 6.92 -5.44
C ASN C 26 3.35 8.07 -4.91
N ASN C 27 2.80 8.80 -3.95
CA ASN C 27 3.46 9.96 -3.38
C ASN C 27 4.26 9.64 -2.13
N ARG C 28 3.99 8.48 -1.53
CA ARG C 28 4.57 8.09 -0.24
C ARG C 28 4.15 9.07 0.85
N THR C 29 2.84 9.32 0.92
CA THR C 29 2.26 10.29 1.84
C THR C 29 1.03 9.68 2.51
N THR C 30 0.59 10.35 3.58
CA THR C 30 -0.63 10.01 4.28
C THR C 30 -1.41 11.28 4.51
N GLN C 31 -2.74 11.15 4.67
CA GLN C 31 -3.59 12.29 4.93
C GLN C 31 -4.88 11.84 5.58
N TRP C 32 -5.56 12.80 6.22
CA TRP C 32 -6.83 12.53 6.84
C TRP C 32 -7.99 12.52 5.83
N HIS C 33 -7.98 13.45 4.88
CA HIS C 33 -9.10 13.62 3.96
C HIS C 33 -9.18 12.46 2.98
N ARG C 34 -10.38 11.92 2.80
CA ARG C 34 -10.57 10.87 1.80
C ARG C 34 -10.38 11.45 0.42
N PRO C 35 -9.55 10.83 -0.41
CA PRO C 35 -9.37 11.29 -1.79
C PRO C 35 -10.56 10.94 -2.65
N SER C 36 -10.79 11.76 -3.65
CA SER C 36 -11.86 11.53 -4.60
C SER C 36 -11.26 11.44 -6.00
N LEU C 37 -11.85 10.60 -6.85
CA LEU C 37 -11.45 10.57 -8.25
C LEU C 37 -11.54 12.00 -8.82
N GLU D 1 -11.13 18.06 12.18
CA GLU D 1 -9.81 18.38 12.71
C GLU D 1 -9.36 17.34 13.74
N HIS D 2 -8.08 16.96 13.67
CA HIS D 2 -7.58 15.86 14.46
C HIS D 2 -6.36 16.26 15.27
N ARG D 3 -6.10 15.44 16.29
CA ARG D 3 -4.85 15.48 17.04
C ARG D 3 -3.73 15.01 16.10
N GLY D 4 -2.85 15.93 15.72
CA GLY D 4 -1.67 15.58 14.97
C GLY D 4 -1.95 15.25 13.51
N PRO D 5 -0.89 15.07 12.74
CA PRO D 5 -1.02 14.48 11.42
C PRO D 5 -1.37 13.01 11.55
N PRO D 6 -1.78 12.37 10.47
CA PRO D 6 -1.97 10.93 10.54
C PRO D 6 -0.62 10.25 10.69
N PRO D 7 -0.63 8.95 10.94
CA PRO D 7 0.64 8.21 11.01
C PRO D 7 1.44 8.42 9.73
N GLU D 8 2.76 8.38 9.88
CA GLU D 8 3.62 8.51 8.72
C GLU D 8 3.37 7.37 7.75
N TYR D 9 3.63 7.64 6.48
CA TYR D 9 3.61 6.62 5.46
C TYR D 9 4.43 5.41 5.92
N PRO D 10 4.00 4.18 5.58
CA PRO D 10 4.79 2.97 5.92
C PRO D 10 6.02 2.80 5.05
N PHE D 11 7.04 3.62 5.33
CA PHE D 11 8.20 3.68 4.43
C PHE D 11 8.99 2.38 4.35
N LYS D 12 8.94 1.54 5.38
CA LYS D 12 9.70 0.29 5.30
C LYS D 12 9.20 -0.57 4.14
N GLY D 13 7.97 -0.34 3.70
CA GLY D 13 7.44 -1.04 2.53
C GLY D 13 8.13 -0.68 1.24
N MET D 14 8.99 0.34 1.24
CA MET D 14 9.79 0.66 0.07
C MET D 14 10.97 -0.31 0.04
S SO4 E . 5.34 -13.33 -11.03
O1 SO4 E . 6.11 -14.57 -11.18
O2 SO4 E . 4.46 -13.48 -9.87
O3 SO4 E . 4.52 -13.11 -12.24
O4 SO4 E . 6.28 -12.21 -10.92
S SO4 F . 8.84 -21.43 -1.95
O1 SO4 F . 8.65 -21.55 -0.50
O2 SO4 F . 8.48 -22.69 -2.62
O3 SO4 F . 7.91 -20.40 -2.42
O4 SO4 F . 10.20 -21.08 -2.29
S SO4 G . -5.17 16.40 5.62
O1 SO4 G . -5.94 17.24 6.55
O2 SO4 G . -4.38 15.44 6.35
O3 SO4 G . -4.31 17.26 4.79
O4 SO4 G . -6.10 15.70 4.76
S SO4 H . -9.03 13.00 17.11
O1 SO4 H . -8.35 14.03 17.92
O2 SO4 H . -9.02 11.76 17.86
O3 SO4 H . -8.28 12.80 15.86
O4 SO4 H . -10.38 13.43 16.78
#